data_7ZLC
#
_entry.id   7ZLC
#
_cell.length_a   42.475
_cell.length_b   42.475
_cell.length_c   215.878
_cell.angle_alpha   90.000
_cell.angle_beta   90.000
_cell.angle_gamma   90.000
#
_symmetry.space_group_name_H-M   'P 43 2 2'
#
loop_
_entity.id
_entity.type
_entity.pdbx_description
1 polymer 'Serine protease subunit NS2B'
2 polymer 'Serine protease NS3'
3 non-polymer (2~{S})-6-azanyl-~{N}-[(2~{S})-6-azanyl-1-(5-carbamimidamidopentylamino)-1-oxidanylidene-hexan-2-yl]-2-(propanoylamino)hexanamide
4 water water
#
loop_
_entity_poly.entity_id
_entity_poly.type
_entity_poly.pdbx_seq_one_letter_code
_entity_poly.pdbx_strand_id
1 'polypeptide(L)' MTGKSVDMYIERAGDITWEKDAEVTGNSPRLDVALDESGDFSLVEEDGPPMRE A
2 'polypeptide(L)'
;GSGALWDVPAPKEVKKGETTDGVYRVMTRRLLGSTQVGVGVMQEGVFHTMWHVTKGAALRSGEGRLDPYWGDVKQDLVSY
CGPWKLDAAWDGLSEVQLLAVPPGERAKNIQTLPGIFKTKDGDIGAVALDYPAGTSGSPILDKCGRVIGLYGNGVVIKNG
SYVSAITQGKREEETPVE
;
B
#
# COMPACT_ATOMS: atom_id res chain seq x y z
N ASP A 7 -19.27 -7.89 2.42
CA ASP A 7 -18.78 -8.40 1.14
C ASP A 7 -18.14 -7.26 0.33
N MET A 8 -16.92 -7.50 -0.13
CA MET A 8 -16.09 -6.45 -0.71
C MET A 8 -15.97 -6.63 -2.22
N TYR A 9 -15.79 -5.50 -2.91
CA TYR A 9 -15.65 -5.51 -4.36
C TYR A 9 -14.60 -4.47 -4.75
N ILE A 10 -13.99 -4.66 -5.92
CA ILE A 10 -12.93 -3.76 -6.38
C ILE A 10 -13.39 -2.98 -7.61
N GLU A 11 -12.86 -1.76 -7.74
CA GLU A 11 -13.21 -0.83 -8.81
C GLU A 11 -11.91 -0.21 -9.32
N ARG A 12 -11.70 -0.25 -10.62
CA ARG A 12 -10.45 0.27 -11.16
C ARG A 12 -10.37 1.78 -10.96
N ALA A 13 -9.18 2.26 -10.59
CA ALA A 13 -8.98 3.67 -10.33
C ALA A 13 -7.89 4.32 -11.18
N GLY A 14 -7.08 3.55 -11.90
CA GLY A 14 -6.14 4.16 -12.81
C GLY A 14 -5.02 3.22 -13.19
N ASP A 15 -4.15 3.73 -14.08
CA ASP A 15 -2.90 3.09 -14.41
C ASP A 15 -1.87 3.36 -13.31
N ILE A 16 -0.88 2.48 -13.21
CA ILE A 16 0.24 2.69 -12.29
C ILE A 16 1.39 3.25 -13.12
N THR A 17 1.58 4.56 -13.04
CA THR A 17 2.58 5.26 -13.84
C THR A 17 3.17 6.40 -13.03
N TRP A 18 4.46 6.64 -13.24
CA TRP A 18 5.13 7.80 -12.68
C TRP A 18 4.59 9.08 -13.32
N GLU A 19 4.32 10.10 -12.51
CA GLU A 19 3.85 11.38 -13.01
C GLU A 19 4.99 12.38 -13.02
N LYS A 20 5.24 12.98 -14.20
CA LYS A 20 6.45 13.78 -14.37
C LYS A 20 6.41 15.05 -13.53
N ASP A 21 5.26 15.70 -13.43
CA ASP A 21 5.19 16.95 -12.68
C ASP A 21 4.40 16.80 -11.39
N ALA A 22 4.63 15.73 -10.64
CA ALA A 22 3.89 15.50 -9.41
C ALA A 22 4.28 16.52 -8.33
N GLU A 23 3.33 16.81 -7.45
CA GLU A 23 3.63 17.58 -6.25
C GLU A 23 4.65 16.79 -5.42
N VAL A 24 5.54 17.51 -4.74
CA VAL A 24 6.62 16.89 -3.97
C VAL A 24 6.51 17.37 -2.53
N THR A 25 6.39 16.43 -1.59
CA THR A 25 6.16 16.82 -0.21
C THR A 25 6.61 15.69 0.71
N GLY A 26 6.63 15.99 2.00
CA GLY A 26 7.01 14.97 2.96
C GLY A 26 8.49 14.98 3.27
N ASN A 27 8.81 14.68 4.52
CA ASN A 27 10.18 14.62 4.99
C ASN A 27 10.64 13.15 4.98
N SER A 28 11.81 12.89 5.57
CA SER A 28 12.48 11.59 5.43
C SER A 28 13.02 11.14 6.78
N PRO A 29 12.15 10.91 7.76
CA PRO A 29 12.62 10.60 9.11
C PRO A 29 13.30 9.23 9.16
N ARG A 30 14.36 9.14 9.96
CA ARG A 30 15.03 7.87 10.23
C ARG A 30 14.62 7.43 11.64
N LEU A 31 13.89 6.32 11.72
CA LEU A 31 13.19 5.93 12.94
C LEU A 31 13.57 4.51 13.33
N ASP A 32 13.88 4.31 14.61
CA ASP A 32 14.02 2.97 15.16
C ASP A 32 12.64 2.42 15.46
N VAL A 33 12.29 1.30 14.83
CA VAL A 33 10.98 0.70 15.02
C VAL A 33 11.11 -0.78 15.30
N ALA A 34 10.05 -1.33 15.88
CA ALA A 34 9.92 -2.77 16.10
C ALA A 34 8.61 -3.23 15.48
N LEU A 35 8.63 -4.45 14.94
CA LEU A 35 7.46 -5.05 14.31
C LEU A 35 7.06 -6.27 15.14
N ASP A 36 5.83 -6.28 15.64
CA ASP A 36 5.40 -7.39 16.47
C ASP A 36 4.69 -8.44 15.64
N GLU A 37 4.33 -9.55 16.30
CA GLU A 37 3.75 -10.67 15.59
C GLU A 37 2.40 -10.31 14.96
N SER A 38 1.71 -9.31 15.51
CA SER A 38 0.45 -8.86 14.95
C SER A 38 0.61 -7.95 13.73
N GLY A 39 1.84 -7.69 13.30
CA GLY A 39 2.04 -6.83 12.15
C GLY A 39 1.93 -5.36 12.45
N ASP A 40 2.07 -4.97 13.72
CA ASP A 40 2.07 -3.57 14.11
C ASP A 40 3.49 -3.07 14.35
N PHE A 41 3.82 -1.93 13.75
CA PHE A 41 5.08 -1.26 14.04
C PHE A 41 4.96 -0.40 15.29
N SER A 42 6.03 -0.35 16.08
CA SER A 42 6.10 0.54 17.22
C SER A 42 7.42 1.29 17.23
N LEU A 43 7.38 2.51 17.75
CA LEU A 43 8.59 3.29 17.92
C LEU A 43 9.43 2.73 19.05
N VAL A 44 10.73 2.59 18.81
CA VAL A 44 11.68 2.26 19.87
C VAL A 44 12.42 3.55 20.24
N GLU A 45 12.30 3.97 21.50
CA GLU A 45 12.98 5.18 21.95
C GLU A 45 13.75 4.91 23.25
N GLU B 18 -13.29 -7.41 -14.31
CA GLU B 18 -12.12 -6.76 -14.88
C GLU B 18 -10.83 -7.23 -14.22
N THR B 19 -9.84 -7.53 -15.04
CA THR B 19 -8.54 -7.99 -14.55
C THR B 19 -7.39 -7.17 -15.11
N THR B 20 -7.68 -6.05 -15.77
CA THR B 20 -6.62 -5.20 -16.31
C THR B 20 -5.67 -4.77 -15.20
N ASP B 21 -4.39 -4.72 -15.55
CA ASP B 21 -3.40 -4.14 -14.64
C ASP B 21 -3.83 -2.74 -14.22
N GLY B 22 -3.46 -2.36 -13.01
CA GLY B 22 -3.69 -1.01 -12.54
C GLY B 22 -3.97 -0.99 -11.06
N VAL B 23 -4.39 0.18 -10.58
CA VAL B 23 -4.72 0.37 -9.18
C VAL B 23 -6.24 0.36 -9.03
N TYR B 24 -6.73 -0.22 -7.94
CA TYR B 24 -8.15 -0.48 -7.72
C TYR B 24 -8.55 -0.06 -6.31
N ARG B 25 -9.75 0.50 -6.19
CA ARG B 25 -10.35 0.71 -4.87
C ARG B 25 -10.93 -0.60 -4.35
N VAL B 26 -10.82 -0.81 -3.05
CA VAL B 26 -11.52 -1.91 -2.38
C VAL B 26 -12.70 -1.32 -1.62
N MET B 27 -13.91 -1.71 -2.00
CA MET B 27 -15.14 -1.12 -1.49
C MET B 27 -15.96 -2.15 -0.74
N THR B 28 -16.81 -1.67 0.17
CA THR B 28 -17.82 -2.52 0.79
C THR B 28 -19.12 -1.76 0.88
N ARG B 29 -20.24 -2.48 0.80
CA ARG B 29 -21.55 -1.91 1.04
C ARG B 29 -22.15 -2.39 2.35
N ARG B 30 -21.34 -3.00 3.21
CA ARG B 30 -21.84 -3.46 4.51
C ARG B 30 -22.17 -2.29 5.42
N LEU B 31 -21.35 -1.25 5.40
CA LEU B 31 -21.56 -0.10 6.27
C LEU B 31 -22.53 0.87 5.61
N LEU B 32 -22.52 2.12 6.04
CA LEU B 32 -23.42 3.10 5.45
C LEU B 32 -22.94 3.48 4.06
N GLY B 33 -23.86 3.51 3.10
CA GLY B 33 -23.54 3.74 1.70
C GLY B 33 -22.50 2.77 1.18
N SER B 34 -21.66 3.27 0.29
CA SER B 34 -20.52 2.53 -0.23
C SER B 34 -19.26 3.12 0.40
N THR B 35 -18.49 2.28 1.07
CA THR B 35 -17.34 2.72 1.84
C THR B 35 -16.07 2.14 1.23
N GLN B 36 -15.07 2.99 1.04
CA GLN B 36 -13.78 2.51 0.57
C GLN B 36 -12.94 2.09 1.77
N VAL B 37 -12.63 0.80 1.85
CA VAL B 37 -11.83 0.29 2.96
C VAL B 37 -10.34 0.21 2.58
N GLY B 38 -10.00 0.27 1.31
CA GLY B 38 -8.61 0.22 0.93
C GLY B 38 -8.41 0.29 -0.56
N VAL B 39 -7.22 -0.10 -0.98
CA VAL B 39 -6.72 0.04 -2.34
C VAL B 39 -5.83 -1.16 -2.63
N GLY B 40 -5.67 -1.50 -3.90
CA GLY B 40 -4.70 -2.53 -4.21
C GLY B 40 -4.24 -2.48 -5.65
N VAL B 41 -3.36 -3.42 -5.98
CA VAL B 41 -2.64 -3.44 -7.24
C VAL B 41 -2.95 -4.73 -7.97
N MET B 42 -3.45 -4.61 -9.20
CA MET B 42 -3.62 -5.75 -10.10
C MET B 42 -2.41 -5.80 -11.03
N GLN B 43 -1.68 -6.91 -10.98
CA GLN B 43 -0.54 -7.07 -11.88
C GLN B 43 -0.37 -8.55 -12.17
N GLU B 44 -0.22 -8.88 -13.46
CA GLU B 44 0.02 -10.26 -13.89
C GLU B 44 -1.09 -11.19 -13.39
N GLY B 45 -2.32 -10.69 -13.38
CA GLY B 45 -3.47 -11.50 -13.00
C GLY B 45 -3.67 -11.69 -11.52
N VAL B 46 -2.87 -11.03 -10.69
CA VAL B 46 -2.91 -11.18 -9.24
C VAL B 46 -3.25 -9.84 -8.62
N PHE B 47 -4.15 -9.85 -7.65
CA PHE B 47 -4.52 -8.65 -6.91
C PHE B 47 -3.77 -8.62 -5.58
N HIS B 48 -3.11 -7.50 -5.30
CA HIS B 48 -2.25 -7.33 -4.14
C HIS B 48 -2.80 -6.22 -3.26
N THR B 49 -2.99 -6.49 -1.96
CA THR B 49 -3.39 -5.42 -1.05
C THR B 49 -2.83 -5.72 0.34
N MET B 50 -3.19 -4.91 1.33
CA MET B 50 -2.68 -5.15 2.67
C MET B 50 -3.66 -6.01 3.44
N TRP B 51 -3.14 -6.91 4.27
CA TRP B 51 -4.01 -7.84 4.99
C TRP B 51 -5.10 -7.10 5.77
N HIS B 52 -4.75 -5.98 6.41
CA HIS B 52 -5.71 -5.33 7.29
C HIS B 52 -6.86 -4.70 6.52
N VAL B 53 -6.74 -4.59 5.20
CA VAL B 53 -7.83 -4.06 4.38
C VAL B 53 -8.95 -5.10 4.24
N THR B 54 -8.59 -6.33 3.87
CA THR B 54 -9.59 -7.36 3.59
C THR B 54 -9.70 -8.41 4.69
N LYS B 55 -8.73 -8.49 5.58
CA LYS B 55 -8.67 -9.56 6.58
C LYS B 55 -8.71 -10.94 5.92
N GLY B 56 -8.19 -11.03 4.70
CA GLY B 56 -8.09 -12.32 4.01
C GLY B 56 -9.36 -12.79 3.34
N ALA B 57 -10.39 -11.96 3.26
CA ALA B 57 -11.67 -12.40 2.75
C ALA B 57 -11.72 -12.33 1.22
N ALA B 58 -12.60 -13.13 0.64
CA ALA B 58 -12.76 -13.13 -0.81
C ALA B 58 -13.28 -11.78 -1.29
N LEU B 59 -12.99 -11.49 -2.57
CA LEU B 59 -13.35 -10.22 -3.18
C LEU B 59 -14.17 -10.46 -4.44
N ARG B 60 -15.02 -9.49 -4.76
CA ARG B 60 -15.81 -9.50 -5.99
C ARG B 60 -15.20 -8.53 -6.99
N SER B 61 -15.17 -8.93 -8.26
CA SER B 61 -14.68 -8.08 -9.34
C SER B 61 -15.71 -8.11 -10.45
N GLY B 62 -16.67 -7.19 -10.39
CA GLY B 62 -17.81 -7.28 -11.28
C GLY B 62 -18.65 -8.50 -10.94
N GLU B 63 -18.83 -9.41 -11.91
CA GLU B 63 -19.53 -10.66 -11.67
C GLU B 63 -18.60 -11.80 -11.29
N GLY B 64 -17.29 -11.54 -11.20
CA GLY B 64 -16.32 -12.56 -10.87
C GLY B 64 -15.93 -12.51 -9.41
N ARG B 65 -15.32 -13.60 -8.95
CA ARG B 65 -14.89 -13.73 -7.56
C ARG B 65 -13.39 -13.93 -7.50
N LEU B 66 -12.72 -13.18 -6.63
CA LEU B 66 -11.28 -13.31 -6.40
C LEU B 66 -11.05 -14.00 -5.07
N ASP B 67 -10.39 -15.14 -5.09
CA ASP B 67 -10.15 -15.86 -3.85
C ASP B 67 -8.76 -15.57 -3.31
N PRO B 68 -8.60 -15.49 -2.00
CA PRO B 68 -7.25 -15.29 -1.45
C PRO B 68 -6.37 -16.48 -1.81
N TYR B 69 -5.10 -16.18 -2.05
CA TYR B 69 -4.10 -17.16 -2.44
C TYR B 69 -2.94 -17.24 -1.45
N TRP B 70 -2.45 -16.10 -0.97
CA TRP B 70 -1.36 -16.06 -0.02
C TRP B 70 -1.57 -14.86 0.87
N GLY B 71 -1.24 -14.98 2.15
CA GLY B 71 -1.31 -13.82 3.03
C GLY B 71 -0.47 -14.04 4.27
N ASP B 72 -0.11 -12.94 4.93
CA ASP B 72 0.71 -13.02 6.13
C ASP B 72 0.42 -11.80 6.98
N VAL B 73 -0.11 -12.02 8.19
CA VAL B 73 -0.51 -10.91 9.05
C VAL B 73 0.68 -10.08 9.48
N LYS B 74 1.82 -10.73 9.73
CA LYS B 74 2.99 -9.97 10.19
C LYS B 74 3.50 -9.03 9.12
N GLN B 75 3.53 -9.49 7.86
CA GLN B 75 3.89 -8.58 6.77
C GLN B 75 2.77 -7.62 6.43
N ASP B 76 1.55 -7.93 6.86
CA ASP B 76 0.33 -7.18 6.55
C ASP B 76 0.06 -7.15 5.05
N LEU B 77 0.21 -8.29 4.38
CA LEU B 77 -0.01 -8.38 2.93
C LEU B 77 -0.88 -9.57 2.58
N VAL B 78 -1.55 -9.48 1.43
CA VAL B 78 -2.39 -10.57 0.93
C VAL B 78 -2.42 -10.48 -0.59
N SER B 79 -2.41 -11.64 -1.25
CA SER B 79 -2.55 -11.67 -2.70
C SER B 79 -3.72 -12.57 -3.07
N TYR B 80 -4.35 -12.26 -4.21
CA TYR B 80 -5.53 -12.96 -4.71
C TYR B 80 -5.25 -13.51 -6.11
N CYS B 81 -5.74 -14.73 -6.37
CA CYS B 81 -5.71 -15.39 -7.68
C CYS B 81 -4.35 -15.97 -8.03
N GLY B 82 -3.33 -15.70 -7.22
CA GLY B 82 -1.99 -16.13 -7.51
C GLY B 82 -1.00 -15.61 -6.50
N PRO B 83 0.25 -16.05 -6.60
CA PRO B 83 1.27 -15.64 -5.63
C PRO B 83 1.65 -14.20 -5.82
N TRP B 84 2.24 -13.62 -4.77
CA TRP B 84 2.69 -12.23 -4.80
C TRP B 84 3.65 -12.02 -5.97
N LYS B 85 3.39 -10.98 -6.79
CA LYS B 85 4.12 -10.74 -8.02
C LYS B 85 5.04 -9.52 -7.97
N LEU B 86 4.88 -8.64 -6.99
CA LEU B 86 5.58 -7.36 -6.97
C LEU B 86 6.93 -7.55 -6.30
N ASP B 87 8.03 -7.24 -7.00
CA ASP B 87 9.33 -7.51 -6.43
C ASP B 87 10.32 -6.36 -6.58
N ALA B 88 9.90 -5.20 -7.09
CA ALA B 88 10.80 -4.07 -7.12
C ALA B 88 11.03 -3.56 -5.70
N ALA B 89 12.20 -2.94 -5.50
CA ALA B 89 12.59 -2.45 -4.19
C ALA B 89 13.07 -1.01 -4.31
N TRP B 90 12.79 -0.22 -3.27
CA TRP B 90 13.40 1.11 -3.18
C TRP B 90 14.92 1.01 -3.26
N ASP B 91 15.53 1.94 -4.00
CA ASP B 91 16.99 1.92 -4.16
C ASP B 91 17.73 2.57 -3.01
N GLY B 92 17.02 3.16 -2.04
CA GLY B 92 17.67 3.77 -0.91
C GLY B 92 18.18 5.17 -1.16
N LEU B 93 18.03 5.69 -2.37
CA LEU B 93 18.61 6.98 -2.75
C LEU B 93 17.62 7.93 -3.39
N SER B 94 16.70 7.42 -4.19
CA SER B 94 15.90 8.22 -5.11
C SER B 94 14.53 8.54 -4.54
N GLU B 95 13.95 9.63 -5.02
CA GLU B 95 12.58 9.94 -4.68
C GLU B 95 11.63 8.92 -5.30
N VAL B 96 10.49 8.72 -4.64
CA VAL B 96 9.49 7.77 -5.12
C VAL B 96 8.19 8.53 -5.26
N GLN B 97 7.15 7.85 -5.72
CA GLN B 97 5.82 8.46 -5.78
C GLN B 97 4.81 7.54 -5.14
N LEU B 98 4.06 8.07 -4.18
CA LEU B 98 2.86 7.40 -3.72
C LEU B 98 1.73 7.66 -4.72
N LEU B 99 1.13 6.61 -5.25
CA LEU B 99 -0.06 6.79 -6.07
C LEU B 99 -1.24 6.65 -5.12
N ALA B 100 -1.59 7.76 -4.48
CA ALA B 100 -2.63 7.77 -3.47
C ALA B 100 -4.00 7.72 -4.12
N VAL B 101 -4.84 6.80 -3.66
CA VAL B 101 -6.22 6.71 -4.11
C VAL B 101 -7.13 6.92 -2.90
N PRO B 102 -7.39 8.17 -2.51
CA PRO B 102 -8.19 8.42 -1.31
C PRO B 102 -9.67 8.14 -1.56
N PRO B 103 -10.43 7.84 -0.50
CA PRO B 103 -11.86 7.57 -0.66
C PRO B 103 -12.57 8.74 -1.35
N GLY B 104 -13.31 8.42 -2.41
CA GLY B 104 -14.12 9.40 -3.10
C GLY B 104 -13.37 10.45 -3.88
N GLU B 105 -12.07 10.27 -4.09
CA GLU B 105 -11.19 11.27 -4.70
C GLU B 105 -10.35 10.62 -5.79
N ARG B 106 -9.99 11.42 -6.81
CA ARG B 106 -9.24 10.90 -7.95
C ARG B 106 -7.85 10.46 -7.52
N ALA B 107 -7.33 9.44 -8.20
CA ALA B 107 -5.96 8.99 -7.97
C ALA B 107 -4.99 10.13 -8.23
N LYS B 108 -4.01 10.30 -7.33
CA LYS B 108 -3.03 11.36 -7.52
C LYS B 108 -1.65 10.91 -7.07
N ASN B 109 -0.63 11.33 -7.80
CA ASN B 109 0.75 10.97 -7.49
C ASN B 109 1.37 12.02 -6.58
N ILE B 110 2.02 11.57 -5.51
CA ILE B 110 2.72 12.43 -4.57
C ILE B 110 4.16 11.96 -4.53
N GLN B 111 5.09 12.86 -4.85
CA GLN B 111 6.51 12.52 -4.89
C GLN B 111 7.17 12.85 -3.57
N THR B 112 8.06 11.97 -3.11
CA THR B 112 8.68 12.20 -1.81
C THR B 112 9.99 11.43 -1.75
N LEU B 113 10.88 11.88 -0.86
CA LEU B 113 12.07 11.10 -0.56
C LEU B 113 11.82 10.26 0.68
N PRO B 114 11.81 8.93 0.58
CA PRO B 114 11.52 8.11 1.77
C PRO B 114 12.54 8.36 2.87
N GLY B 115 12.07 8.21 4.11
CA GLY B 115 12.92 7.97 5.26
C GLY B 115 13.11 6.47 5.43
N ILE B 116 13.53 6.08 6.63
CA ILE B 116 13.93 4.70 6.88
C ILE B 116 13.35 4.23 8.21
N PHE B 117 12.73 3.05 8.20
CA PHE B 117 12.47 2.30 9.42
C PHE B 117 13.68 1.42 9.69
N LYS B 118 14.32 1.60 10.84
CA LYS B 118 15.43 0.76 11.27
C LYS B 118 14.88 -0.29 12.24
N THR B 119 15.04 -1.57 11.88
CA THR B 119 14.56 -2.67 12.72
C THR B 119 15.72 -3.61 13.03
N LYS B 120 15.48 -4.50 13.99
CA LYS B 120 16.48 -5.51 14.33
C LYS B 120 16.77 -6.43 13.15
N ASP B 121 15.84 -6.53 12.20
CA ASP B 121 15.96 -7.41 11.05
C ASP B 121 16.24 -6.66 9.76
N GLY B 122 16.73 -5.43 9.85
CA GLY B 122 17.10 -4.67 8.68
C GLY B 122 16.30 -3.38 8.56
N ASP B 123 16.64 -2.62 7.52
CA ASP B 123 16.04 -1.33 7.27
C ASP B 123 15.06 -1.42 6.11
N ILE B 124 13.97 -0.67 6.19
CA ILE B 124 13.05 -0.56 5.07
C ILE B 124 12.69 0.90 4.87
N GLY B 125 12.40 1.27 3.63
CA GLY B 125 11.98 2.62 3.34
C GLY B 125 10.65 2.95 3.99
N ALA B 126 10.40 4.24 4.17
CA ALA B 126 9.17 4.68 4.81
C ALA B 126 8.81 6.03 4.23
N VAL B 127 7.51 6.29 4.06
CA VAL B 127 7.06 7.55 3.49
C VAL B 127 6.23 8.31 4.53
N ALA B 128 6.60 9.57 4.75
CA ALA B 128 5.91 10.43 5.72
C ALA B 128 4.81 11.23 5.01
N LEU B 129 3.76 10.50 4.65
CA LEU B 129 2.57 11.05 4.00
C LEU B 129 1.33 10.55 4.72
N ASP B 130 0.36 11.43 4.93
CA ASP B 130 -0.78 11.16 5.81
C ASP B 130 -2.07 11.22 4.98
N TYR B 131 -2.76 10.09 4.86
CA TYR B 131 -3.97 9.94 4.08
C TYR B 131 -5.02 9.17 4.88
N PRO B 132 -6.30 9.28 4.50
CA PRO B 132 -7.36 8.54 5.19
C PRO B 132 -7.08 7.05 5.23
N ALA B 133 -7.69 6.38 6.22
CA ALA B 133 -7.42 4.95 6.43
C ALA B 133 -7.75 4.15 5.18
N GLY B 134 -8.81 4.54 4.46
CA GLY B 134 -9.19 3.84 3.25
C GLY B 134 -8.21 3.96 2.11
N THR B 135 -7.13 4.71 2.29
CA THR B 135 -6.07 4.77 1.29
C THR B 135 -5.10 3.59 1.43
N SER B 136 -5.23 2.81 2.50
CA SER B 136 -4.37 1.66 2.71
C SER B 136 -4.31 0.77 1.48
N GLY B 137 -3.10 0.37 1.11
CA GLY B 137 -2.88 -0.44 -0.06
C GLY B 137 -2.50 0.33 -1.30
N SER B 138 -2.50 1.66 -1.24
CA SER B 138 -2.07 2.42 -2.39
C SER B 138 -0.62 2.12 -2.72
N PRO B 139 -0.27 1.98 -4.00
CA PRO B 139 1.09 1.60 -4.36
C PRO B 139 2.07 2.77 -4.30
N ILE B 140 3.31 2.44 -3.95
CA ILE B 140 4.44 3.34 -4.01
C ILE B 140 5.30 2.90 -5.18
N LEU B 141 5.72 3.84 -6.04
CA LEU B 141 6.36 3.48 -7.30
C LEU B 141 7.74 4.12 -7.39
N ASP B 142 8.62 3.46 -8.14
CA ASP B 142 9.90 4.08 -8.49
C ASP B 142 9.78 4.82 -9.83
N LYS B 143 10.88 5.42 -10.27
CA LYS B 143 10.84 6.25 -11.47
C LYS B 143 10.56 5.45 -12.74
N CYS B 144 10.68 4.12 -12.69
CA CYS B 144 10.30 3.28 -13.82
C CYS B 144 8.84 2.83 -13.75
N GLY B 145 8.09 3.25 -12.74
CA GLY B 145 6.70 2.87 -12.62
C GLY B 145 6.48 1.52 -11.96
N ARG B 146 7.54 0.88 -11.49
CA ARG B 146 7.39 -0.41 -10.81
C ARG B 146 6.93 -0.20 -9.38
N VAL B 147 6.09 -1.10 -8.89
CA VAL B 147 5.57 -0.96 -7.53
C VAL B 147 6.61 -1.51 -6.56
N ILE B 148 7.13 -0.64 -5.68
CA ILE B 148 8.13 -1.03 -4.70
C ILE B 148 7.52 -1.35 -3.35
N GLY B 149 6.21 -1.25 -3.20
CA GLY B 149 5.55 -1.57 -1.96
C GLY B 149 4.21 -0.88 -1.87
N LEU B 150 3.50 -1.18 -0.78
CA LEU B 150 2.17 -0.65 -0.53
C LEU B 150 2.15 0.22 0.72
N TYR B 151 1.27 1.22 0.69
CA TYR B 151 1.17 2.24 1.73
C TYR B 151 0.12 1.85 2.75
N GLY B 152 0.41 2.07 4.04
CA GLY B 152 -0.66 1.95 5.01
C GLY B 152 -0.39 1.17 6.28
N ASN B 153 0.83 0.70 6.48
CA ASN B 153 1.20 0.08 7.76
C ASN B 153 2.39 0.88 8.30
N GLY B 154 2.17 1.59 9.40
CA GLY B 154 3.20 2.47 9.90
C GLY B 154 3.06 2.83 11.35
N VAL B 155 3.61 3.99 11.71
CA VAL B 155 3.68 4.47 13.09
C VAL B 155 3.29 5.92 13.15
N VAL B 156 2.99 6.39 14.35
CA VAL B 156 2.74 7.80 14.61
C VAL B 156 3.91 8.37 15.41
N ILE B 157 4.50 9.45 14.89
CA ILE B 157 5.73 10.02 15.43
C ILE B 157 5.42 10.91 16.62
N LYS B 158 6.47 11.37 17.32
CA LYS B 158 6.28 12.25 18.46
C LYS B 158 5.46 13.49 18.09
N ASN B 159 5.57 13.95 16.84
CA ASN B 159 4.83 15.10 16.36
C ASN B 159 3.35 14.82 16.15
N GLY B 160 2.91 13.58 16.31
CA GLY B 160 1.57 13.17 15.94
C GLY B 160 1.40 12.82 14.48
N SER B 161 2.42 13.02 13.66
CA SER B 161 2.34 12.75 12.23
C SER B 161 2.38 11.25 11.97
N TYR B 162 2.05 10.89 10.72
CA TYR B 162 2.03 9.50 10.28
C TYR B 162 3.20 9.23 9.36
N VAL B 163 3.79 8.04 9.51
CA VAL B 163 4.85 7.55 8.63
C VAL B 163 4.52 6.09 8.29
N SER B 164 4.43 5.78 7.01
CA SER B 164 4.09 4.44 6.54
C SER B 164 5.35 3.72 6.08
N ALA B 165 5.51 2.46 6.51
CA ALA B 165 6.48 1.60 5.87
C ALA B 165 6.18 1.51 4.37
N ILE B 166 7.24 1.32 3.57
CA ILE B 166 7.09 0.85 2.20
C ILE B 166 7.07 -0.68 2.28
N THR B 167 5.87 -1.26 2.29
CA THR B 167 5.75 -2.70 2.57
C THR B 167 5.77 -3.48 1.26
N GLN B 168 6.76 -4.33 1.09
CA GLN B 168 6.88 -5.15 -0.12
C GLN B 168 6.93 -6.63 0.24
N GLY B 169 6.31 -7.46 -0.59
CA GLY B 169 6.31 -8.89 -0.37
C GLY B 169 7.55 -9.55 -0.94
N LYS B 170 7.50 -10.88 -1.01
CA LYS B 170 8.54 -11.68 -1.63
C LYS B 170 7.96 -12.39 -2.84
N ARG B 171 8.65 -12.30 -3.98
CA ARG B 171 8.25 -13.05 -5.17
C ARG B 171 9.10 -14.30 -5.32
#